data_5FZE
#
_entry.id   5FZE
#
_cell.length_a   141.790
_cell.length_b   141.790
_cell.length_c   150.890
_cell.angle_alpha   90.00
_cell.angle_beta   90.00
_cell.angle_gamma   120.00
#
_symmetry.space_group_name_H-M   'P 65 2 2'
#
loop_
_entity.id
_entity.type
_entity.pdbx_description
1 polymer 'LYSINE-SPECIFIC DEMETHYLASE 5B'
2 non-polymer 'ZINC ION'
3 non-polymer [(6-oxo-4-phenyl-1,6-dihydropyrimidin-2-yl)sulfanyl]acetonitrile
4 non-polymer 'MANGANESE (II) ION'
5 non-polymer 'CHLORIDE ION'
6 non-polymer 1,2-ETHANEDIOL
7 non-polymer 'DIMETHYL SULFOXIDE'
8 non-polymer 'PHOSPHATE ION'
9 water water
#
_entity_poly.entity_id   1
_entity_poly.type   'polypeptide(L)'
_entity_poly.pdbx_seq_one_letter_code
;SMFLPPPECPVFEPSWEEFADPFAFIHKIRPIAEQTGICKVRPPPDWQPPFACDVDKLHFTPRIQRLNELEAQTRVKLGG
GGARDYTLRTFGEMADAFKSDYFNMPVHMVPTELVEKEFWRLVSTIEEDVTVEYGADIASKEFGSGFPVRDGKIKLSPEE
EEYLDSGWNLNNMPVMEQSVLAHITADICGMKLPWLYVGMCFSSFCWHIEDHWSYSINYLHWGEPKTWYGVPGYAAEQLE
NVMKKLAPELFVSQPDLLHQLVTIMNPNTLMTHEVPVYRTNQCAGEFVITFPRAYHSGFNQGFNFAEAVNFCTVDWLPLG
RQCVEHYRLLHRYCVFSHDEMICKMASKADVLDVVVASTVQKDMAIMIEDEKALRETVRKLGVIDSERMDFELLPDDERQ
CVKCKTTCFMSAISCSCKPGLLVCLHHVKELCSCPPYKYKLRYRYTLDDLYPMMNALKLRAESYNEWALNVNEALEAKI
;
_entity_poly.pdbx_strand_id   A
#
loop_
_chem_comp.id
_chem_comp.type
_chem_comp.name
_chem_comp.formula
CL non-polymer 'CHLORIDE ION' 'Cl -1'
DMS non-polymer 'DIMETHYL SULFOXIDE' 'C2 H6 O S'
EDO non-polymer 1,2-ETHANEDIOL 'C2 H6 O2'
H0X non-polymer [(6-oxo-4-phenyl-1,6-dihydropyrimidin-2-yl)sulfanyl]acetonitrile 'C12 H9 N3 O S'
MN non-polymer 'MANGANESE (II) ION' 'Mn 2'
PO4 non-polymer 'PHOSPHATE ION' 'O4 P -3'
ZN non-polymer 'ZINC ION' 'Zn 2'
#
# COMPACT_ATOMS: atom_id res chain seq x y z
N SER A 1 -24.62 21.58 5.75
CA SER A 1 -24.30 22.97 5.98
C SER A 1 -22.88 23.10 6.47
N MET A 2 -22.62 22.65 7.70
CA MET A 2 -21.24 22.55 8.15
C MET A 2 -20.56 21.39 7.40
N PHE A 3 -21.06 20.18 7.56
CA PHE A 3 -20.46 19.04 6.84
C PHE A 3 -21.50 18.29 6.03
N LEU A 4 -21.26 18.18 4.73
CA LEU A 4 -22.14 17.38 3.89
C LEU A 4 -21.50 16.05 3.57
N PRO A 5 -22.05 14.95 4.09
CA PRO A 5 -21.43 13.63 3.86
C PRO A 5 -21.37 13.27 2.38
N PRO A 6 -20.20 12.84 1.90
CA PRO A 6 -20.10 12.34 0.53
C PRO A 6 -21.09 11.22 0.27
N PRO A 7 -21.41 10.97 -1.00
CA PRO A 7 -22.25 9.81 -1.27
C PRO A 7 -21.58 8.51 -0.83
N GLU A 8 -22.40 7.49 -0.57
CA GLU A 8 -21.90 6.19 -0.14
C GLU A 8 -21.18 5.44 -1.27
N CYS A 9 -20.10 4.75 -0.93
CA CYS A 9 -19.40 3.90 -1.89
C CYS A 9 -20.20 2.61 -2.09
N PRO A 10 -19.90 1.83 -3.15
CA PRO A 10 -20.57 0.53 -3.36
C PRO A 10 -20.35 -0.45 -2.21
N VAL A 11 -21.38 -1.25 -1.94
CA VAL A 11 -21.30 -2.30 -0.93
C VAL A 11 -21.65 -3.60 -1.63
N PHE A 12 -20.82 -4.62 -1.47
CA PHE A 12 -21.12 -5.89 -2.11
C PHE A 12 -21.43 -6.94 -1.06
N GLU A 13 -22.40 -7.80 -1.37
CA GLU A 13 -22.79 -8.90 -0.50
C GLU A 13 -22.69 -10.21 -1.30
N PRO A 14 -21.46 -10.70 -1.48
CA PRO A 14 -21.28 -11.88 -2.33
C PRO A 14 -21.84 -13.15 -1.72
N SER A 15 -22.36 -14.03 -2.56
CA SER A 15 -22.73 -15.38 -2.15
C SER A 15 -21.46 -16.12 -1.77
N TRP A 16 -21.61 -17.27 -1.11
CA TRP A 16 -20.43 -18.02 -0.74
C TRP A 16 -19.66 -18.44 -2.00
N GLU A 17 -20.36 -18.74 -3.08
CA GLU A 17 -19.72 -19.13 -4.33
C GLU A 17 -18.86 -17.97 -4.88
N GLU A 18 -19.46 -16.78 -4.97
CA GLU A 18 -18.74 -15.57 -5.39
C GLU A 18 -17.58 -15.21 -4.46
N PHE A 19 -17.78 -15.42 -3.16
CA PHE A 19 -16.85 -14.97 -2.13
C PHE A 19 -15.61 -15.85 -2.02
N ALA A 20 -15.79 -17.14 -2.29
CA ALA A 20 -14.74 -18.15 -2.11
C ALA A 20 -13.34 -17.72 -2.62
N ASP A 21 -13.27 -17.25 -3.86
CA ASP A 21 -12.00 -16.76 -4.40
C ASP A 21 -11.94 -15.23 -4.42
N PRO A 22 -11.13 -14.64 -3.51
CA PRO A 22 -11.01 -13.19 -3.41
C PRO A 22 -10.56 -12.54 -4.71
N PHE A 23 -9.62 -13.17 -5.41
CA PHE A 23 -9.09 -12.58 -6.63
C PHE A 23 -10.13 -12.56 -7.74
N ALA A 24 -10.91 -13.63 -7.86
CA ALA A 24 -12.01 -13.66 -8.81
C ALA A 24 -13.04 -12.60 -8.47
N PHE A 25 -13.36 -12.50 -7.18
CA PHE A 25 -14.40 -11.56 -6.76
C PHE A 25 -13.97 -10.11 -7.01
N ILE A 26 -12.75 -9.79 -6.63
CA ILE A 26 -12.22 -8.44 -6.83
C ILE A 26 -12.24 -8.07 -8.32
N HIS A 27 -11.82 -9.01 -9.15
CA HIS A 27 -11.82 -8.82 -10.59
C HIS A 27 -13.25 -8.56 -11.10
N LYS A 28 -14.21 -9.29 -10.56
CA LYS A 28 -15.61 -9.11 -10.92
C LYS A 28 -16.13 -7.70 -10.60
N ILE A 29 -15.86 -7.20 -9.40
CA ILE A 29 -16.41 -5.90 -8.99
C ILE A 29 -15.61 -4.69 -9.49
N ARG A 30 -14.41 -4.94 -10.01
CA ARG A 30 -13.52 -3.87 -10.46
C ARG A 30 -14.14 -2.77 -11.33
N PRO A 31 -14.95 -3.13 -12.36
CA PRO A 31 -15.53 -2.07 -13.19
C PRO A 31 -16.38 -1.09 -12.41
N ILE A 32 -17.07 -1.57 -11.38
CA ILE A 32 -17.83 -0.71 -10.49
C ILE A 32 -16.93 0.02 -9.49
N ALA A 33 -16.18 -0.75 -8.70
CA ALA A 33 -15.47 -0.20 -7.57
C ALA A 33 -14.31 0.74 -7.95
N GLU A 34 -13.71 0.54 -9.12
CA GLU A 34 -12.61 1.41 -9.50
C GLU A 34 -13.11 2.81 -9.88
N GLN A 35 -14.42 2.99 -9.98
CA GLN A 35 -14.99 4.31 -10.25
C GLN A 35 -15.17 5.08 -8.94
N THR A 36 -15.11 4.37 -7.83
CA THR A 36 -15.30 5.00 -6.52
C THR A 36 -14.05 4.93 -5.66
N GLY A 37 -13.09 4.13 -6.09
CA GLY A 37 -11.81 4.06 -5.41
C GLY A 37 -11.82 3.12 -4.23
N ILE A 38 -12.88 3.14 -3.44
CA ILE A 38 -13.07 2.17 -2.35
C ILE A 38 -14.42 1.49 -2.50
N CYS A 39 -14.54 0.31 -1.90
CA CYS A 39 -15.82 -0.35 -1.78
C CYS A 39 -15.84 -1.19 -0.53
N LYS A 40 -17.02 -1.59 -0.10
CA LYS A 40 -17.13 -2.39 1.10
C LYS A 40 -17.66 -3.76 0.71
N VAL A 41 -17.16 -4.77 1.40
CA VAL A 41 -17.56 -6.15 1.13
C VAL A 41 -18.09 -6.79 2.41
N ARG A 42 -19.34 -7.22 2.37
CA ARG A 42 -19.93 -7.97 3.48
C ARG A 42 -19.86 -9.45 3.19
N PRO A 43 -19.07 -10.19 3.97
CA PRO A 43 -18.93 -11.62 3.73
C PRO A 43 -20.24 -12.35 3.97
N PRO A 44 -20.46 -13.50 3.33
CA PRO A 44 -21.61 -14.36 3.58
C PRO A 44 -21.77 -14.59 5.07
N PRO A 45 -23.01 -14.69 5.56
CA PRO A 45 -23.39 -14.62 6.98
C PRO A 45 -22.63 -15.58 7.88
N ASP A 46 -22.27 -16.75 7.36
CA ASP A 46 -21.63 -17.76 8.17
C ASP A 46 -20.10 -17.76 8.09
N TRP A 47 -19.53 -16.96 7.18
CA TRP A 47 -18.09 -16.72 7.22
C TRP A 47 -17.81 -15.89 8.47
N GLN A 48 -17.36 -16.54 9.53
CA GLN A 48 -17.18 -15.89 10.81
C GLN A 48 -15.91 -16.34 11.48
N PRO A 49 -14.81 -15.68 11.14
CA PRO A 49 -13.50 -16.02 11.70
C PRO A 49 -13.53 -15.85 13.20
N PRO A 50 -12.90 -16.76 13.93
CA PRO A 50 -12.95 -16.65 15.38
C PRO A 50 -12.03 -15.55 15.84
N PHE A 51 -12.51 -14.67 16.72
CA PHE A 51 -11.56 -13.79 17.36
C PHE A 51 -11.44 -14.08 18.85
N ALA A 52 -10.24 -14.46 19.25
CA ALA A 52 -9.96 -14.69 20.66
C ALA A 52 -8.63 -14.04 21.04
N CYS A 53 -8.66 -13.24 22.09
CA CYS A 53 -7.43 -12.66 22.61
C CYS A 53 -7.53 -12.34 24.10
N ASP A 54 -6.40 -12.38 24.79
CA ASP A 54 -6.29 -11.93 26.17
C ASP A 54 -5.90 -10.47 26.16
N VAL A 55 -6.84 -9.59 26.51
CA VAL A 55 -6.62 -8.17 26.40
C VAL A 55 -5.56 -7.69 27.38
N ASP A 56 -5.21 -8.53 28.36
CA ASP A 56 -4.18 -8.17 29.33
C ASP A 56 -2.76 -8.55 28.91
N LYS A 57 -2.63 -9.42 27.91
CA LYS A 57 -1.29 -9.84 27.51
C LYS A 57 -0.83 -9.18 26.22
N LEU A 58 -1.80 -8.72 25.43
CA LEU A 58 -1.49 -7.95 24.23
C LEU A 58 -1.06 -6.55 24.62
N HIS A 59 0.13 -6.14 24.22
CA HIS A 59 0.56 -4.79 24.50
C HIS A 59 1.25 -4.17 23.30
N PHE A 60 1.25 -2.85 23.27
CA PHE A 60 1.83 -2.13 22.15
C PHE A 60 2.22 -0.73 22.57
N THR A 61 3.10 -0.14 21.78
CA THR A 61 3.53 1.24 22.00
C THR A 61 2.62 2.17 21.23
N PRO A 62 1.91 3.05 21.94
CA PRO A 62 0.95 3.91 21.26
C PRO A 62 1.62 5.06 20.53
N ARG A 63 1.04 5.47 19.42
CA ARG A 63 1.44 6.67 18.73
C ARG A 63 0.47 7.77 19.11
N ILE A 64 0.94 9.00 19.09
CA ILE A 64 0.14 10.12 19.54
C ILE A 64 -0.15 11.02 18.35
N GLN A 65 -1.35 11.60 18.33
CA GLN A 65 -1.81 12.27 17.14
C GLN A 65 -2.55 13.53 17.48
N ARG A 66 -2.10 14.65 16.91
CA ARG A 66 -2.85 15.90 16.97
C ARG A 66 -3.84 15.93 15.82
N LEU A 67 -5.02 16.47 16.06
CA LEU A 67 -6.03 16.48 15.03
C LEU A 67 -6.29 17.90 14.49
N ASN A 68 -5.45 18.33 13.57
CA ASN A 68 -5.63 19.63 12.90
C ASN A 68 -5.58 19.48 11.39
N GLU A 69 -6.64 19.93 10.73
CA GLU A 69 -6.70 19.87 9.26
C GLU A 69 -5.50 20.59 8.64
N LEU A 70 -4.95 19.98 7.60
CA LEU A 70 -3.85 20.54 6.81
C LEU A 70 -2.51 20.53 7.54
N GLU A 71 -2.50 20.13 8.81
CA GLU A 71 -1.24 20.01 9.52
C GLU A 71 -0.49 18.77 9.02
N ALA A 72 0.82 18.92 8.81
CA ALA A 72 1.66 17.82 8.35
C ALA A 72 1.80 16.72 9.42
N GLN A 73 1.66 15.48 8.98
CA GLN A 73 1.95 14.33 9.83
C GLN A 73 2.83 13.39 9.02
N THR A 74 3.67 12.63 9.71
CA THR A 74 4.55 11.68 9.04
C THR A 74 3.90 10.31 9.01
N ARG A 75 4.27 9.49 8.03
CA ARG A 75 3.56 8.24 7.74
C ARG A 75 3.78 7.12 8.76
N VAL A 76 5.01 6.93 9.24
CA VAL A 76 5.26 5.94 10.30
C VAL A 76 6.09 6.57 11.43
N LYS A 77 6.48 5.77 12.42
CA LYS A 77 7.24 6.27 13.58
C LYS A 77 8.40 7.18 13.21
N ARG A 84 6.21 4.91 26.26
CA ARG A 84 4.85 4.64 26.67
C ARG A 84 4.43 3.22 26.23
N ASP A 85 3.47 2.62 26.92
CA ASP A 85 3.01 1.28 26.58
C ASP A 85 1.63 0.95 27.20
N TYR A 86 0.71 0.47 26.38
CA TYR A 86 -0.63 0.08 26.82
C TYR A 86 -0.81 -1.41 26.66
N THR A 87 -1.59 -2.04 27.54
CA THR A 87 -2.16 -3.32 27.14
C THR A 87 -3.39 -2.99 26.33
N LEU A 88 -3.91 -3.97 25.61
CA LEU A 88 -5.16 -3.74 24.90
C LEU A 88 -6.26 -3.35 25.89
N ARG A 89 -6.21 -3.87 27.11
CA ARG A 89 -7.22 -3.49 28.10
C ARG A 89 -7.09 -2.03 28.52
N THR A 90 -5.88 -1.60 28.90
CA THR A 90 -5.75 -0.24 29.40
C THR A 90 -5.96 0.77 28.26
N PHE A 91 -5.63 0.39 27.03
CA PHE A 91 -5.91 1.28 25.90
C PHE A 91 -7.42 1.41 25.74
N GLY A 92 -8.10 0.27 25.79
CA GLY A 92 -9.55 0.24 25.65
C GLY A 92 -10.26 1.09 26.70
N GLU A 93 -9.78 1.02 27.93
CA GLU A 93 -10.32 1.79 29.05
C GLU A 93 -10.09 3.27 28.85
N MET A 94 -8.88 3.64 28.40
CA MET A 94 -8.58 5.02 28.09
C MET A 94 -9.49 5.51 26.97
N ALA A 95 -9.62 4.68 25.93
CA ALA A 95 -10.38 5.06 24.74
C ALA A 95 -11.86 5.25 25.02
N ASP A 96 -12.45 4.33 25.78
CA ASP A 96 -13.88 4.40 26.11
C ASP A 96 -14.18 5.59 27.03
N ALA A 97 -13.33 5.80 28.02
CA ALA A 97 -13.44 6.94 28.92
C ALA A 97 -13.30 8.25 28.15
N PHE A 98 -12.34 8.33 27.22
CA PHE A 98 -12.18 9.52 26.39
C PHE A 98 -13.47 9.86 25.62
N LYS A 99 -14.02 8.87 24.93
CA LYS A 99 -15.21 9.10 24.13
C LYS A 99 -16.42 9.45 24.97
N SER A 100 -16.65 8.70 26.04
CA SER A 100 -17.86 8.94 26.82
C SER A 100 -17.74 10.29 27.54
N ASP A 101 -16.53 10.67 27.95
CA ASP A 101 -16.31 12.00 28.52
C ASP A 101 -16.45 13.12 27.50
N TYR A 102 -16.00 12.88 26.28
CA TYR A 102 -16.05 13.89 25.22
C TYR A 102 -17.49 14.25 24.90
N PHE A 103 -18.37 13.26 24.91
CA PHE A 103 -19.75 13.50 24.53
C PHE A 103 -20.74 13.52 25.71
N ASN A 104 -20.27 13.16 26.90
CA ASN A 104 -21.13 12.92 28.07
C ASN A 104 -22.28 11.96 27.74
N MET A 105 -21.93 10.90 27.02
CA MET A 105 -22.88 9.88 26.63
C MET A 105 -22.22 8.51 26.73
N PRO A 106 -23.01 7.45 26.84
CA PRO A 106 -22.42 6.12 26.68
C PRO A 106 -21.86 5.94 25.26
N VAL A 107 -20.74 5.24 25.07
CA VAL A 107 -20.02 5.28 23.77
C VAL A 107 -20.84 4.78 22.58
N HIS A 108 -21.81 3.90 22.82
CA HIS A 108 -22.55 3.38 21.70
C HIS A 108 -23.81 4.15 21.46
N MET A 109 -24.11 5.11 22.31
CA MET A 109 -25.28 5.90 22.01
C MET A 109 -24.92 7.13 21.21
N VAL A 110 -23.63 7.32 20.95
CA VAL A 110 -23.22 8.41 20.08
C VAL A 110 -23.41 8.01 18.62
N PRO A 111 -24.35 8.67 17.93
CA PRO A 111 -24.62 8.41 16.50
C PRO A 111 -23.36 8.58 15.64
N THR A 112 -23.18 7.72 14.64
CA THR A 112 -22.00 7.78 13.79
C THR A 112 -21.95 9.11 13.03
N GLU A 113 -23.12 9.58 12.61
CA GLU A 113 -23.26 10.90 11.95
C GLU A 113 -22.76 12.06 12.82
N LEU A 114 -22.98 11.94 14.13
CA LEU A 114 -22.57 13.00 15.04
C LEU A 114 -21.05 13.00 15.19
N VAL A 115 -20.46 11.83 15.36
CA VAL A 115 -19.01 11.74 15.47
C VAL A 115 -18.31 12.27 14.23
N GLU A 116 -18.84 11.93 13.05
CA GLU A 116 -18.33 12.44 11.79
C GLU A 116 -18.39 13.96 11.71
N LYS A 117 -19.58 14.50 12.03
CA LYS A 117 -19.83 15.94 12.06
C LYS A 117 -18.84 16.58 13.03
N GLU A 118 -18.71 15.98 14.20
CA GLU A 118 -17.83 16.56 15.20
C GLU A 118 -16.37 16.46 14.82
N PHE A 119 -15.98 15.36 14.18
CA PHE A 119 -14.59 15.20 13.73
C PHE A 119 -14.20 16.36 12.83
N TRP A 120 -15.04 16.66 11.84
CA TRP A 120 -14.69 17.71 10.90
C TRP A 120 -14.75 19.11 11.54
N ARG A 121 -15.60 19.29 12.55
CA ARG A 121 -15.56 20.54 13.32
C ARG A 121 -14.23 20.66 14.04
N LEU A 122 -13.84 19.63 14.79
CA LEU A 122 -12.71 19.80 15.69
C LEU A 122 -11.38 19.93 14.96
N VAL A 123 -11.23 19.27 13.81
CA VAL A 123 -9.95 19.35 13.10
C VAL A 123 -9.80 20.71 12.42
N SER A 124 -10.93 21.38 12.18
CA SER A 124 -10.90 22.66 11.47
C SER A 124 -10.73 23.86 12.41
N THR A 125 -11.07 23.67 13.68
CA THR A 125 -11.03 24.75 14.67
C THR A 125 -9.65 24.93 15.30
N ILE A 126 -9.08 26.11 15.12
CA ILE A 126 -7.78 26.44 15.71
C ILE A 126 -7.80 26.30 17.22
N GLU A 127 -8.92 26.68 17.84
CA GLU A 127 -9.06 26.68 19.29
C GLU A 127 -8.89 25.28 19.91
N GLU A 128 -9.53 24.28 19.31
CA GLU A 128 -9.45 22.90 19.81
C GLU A 128 -8.07 22.31 19.58
N ASP A 129 -7.47 21.74 20.62
CA ASP A 129 -6.28 20.91 20.44
C ASP A 129 -6.50 19.52 21.04
N VAL A 130 -7.40 18.78 20.41
CA VAL A 130 -7.66 17.40 20.75
C VAL A 130 -6.49 16.54 20.27
N THR A 131 -5.90 15.76 21.17
CA THR A 131 -4.92 14.76 20.75
C THR A 131 -5.43 13.39 21.14
N VAL A 132 -5.13 12.40 20.32
CA VAL A 132 -5.59 11.04 20.57
C VAL A 132 -4.42 10.10 20.35
N GLU A 133 -4.65 8.82 20.64
CA GLU A 133 -3.60 7.81 20.55
C GLU A 133 -4.10 6.62 19.76
N TYR A 134 -3.19 5.85 19.18
CA TYR A 134 -3.59 4.67 18.41
C TYR A 134 -2.44 3.68 18.29
N GLY A 135 -2.76 2.47 17.87
CA GLY A 135 -1.74 1.48 17.58
C GLY A 135 -1.62 1.25 16.09
N ALA A 136 -0.39 1.14 15.60
CA ALA A 136 -0.13 0.74 14.22
C ALA A 136 1.20 -0.01 14.15
N ASP A 137 1.17 -1.27 13.69
CA ASP A 137 2.40 -2.05 13.57
C ASP A 137 2.13 -3.37 12.86
N ILE A 138 3.18 -4.03 12.36
CA ILE A 138 3.00 -5.37 11.80
C ILE A 138 2.90 -6.36 12.97
N ALA A 139 2.44 -7.58 12.68
CA ALA A 139 2.31 -8.58 13.75
C ALA A 139 3.66 -8.87 14.41
N SER A 140 3.64 -9.02 15.73
CA SER A 140 4.81 -9.42 16.50
C SER A 140 4.39 -10.41 17.58
N LYS A 141 5.36 -10.92 18.34
CA LYS A 141 5.08 -11.88 19.40
C LYS A 141 4.32 -11.22 20.55
N GLU A 142 4.45 -9.91 20.68
CA GLU A 142 3.75 -9.17 21.73
C GLU A 142 2.31 -8.87 21.32
N PHE A 143 2.08 -8.87 19.99
CA PHE A 143 0.79 -8.51 19.43
C PHE A 143 0.66 -9.11 18.03
N GLY A 144 0.01 -10.27 17.93
CA GLY A 144 -0.05 -11.01 16.67
C GLY A 144 -1.28 -10.73 15.81
N SER A 145 -1.36 -11.38 14.65
CA SER A 145 -2.52 -11.20 13.78
C SER A 145 -3.84 -11.50 14.50
N GLY A 146 -4.91 -10.87 14.03
CA GLY A 146 -6.23 -11.20 14.51
C GLY A 146 -6.84 -12.42 13.83
N PHE A 147 -6.26 -12.83 12.69
CA PHE A 147 -6.69 -14.07 12.01
C PHE A 147 -5.87 -15.26 12.53
N PRO A 148 -6.39 -16.49 12.37
CA PRO A 148 -5.64 -17.67 12.78
C PRO A 148 -4.36 -17.85 11.97
N VAL A 149 -3.26 -18.14 12.64
CA VAL A 149 -2.02 -18.50 11.96
C VAL A 149 -1.42 -19.73 12.62
N ARG A 150 -0.57 -20.45 11.89
CA ARG A 150 0.02 -21.67 12.43
C ARG A 150 1.18 -21.39 13.38
N ASP A 151 1.26 -22.16 14.47
CA ASP A 151 2.44 -22.18 15.32
C ASP A 151 2.48 -23.47 16.15
N GLY A 152 3.68 -23.94 16.48
CA GLY A 152 3.84 -25.21 17.18
C GLY A 152 3.43 -25.20 18.64
N LYS A 153 3.62 -24.06 19.30
CA LYS A 153 3.37 -23.94 20.74
C LYS A 153 1.88 -24.07 21.09
N ILE A 154 1.02 -23.53 20.25
CA ILE A 154 -0.41 -23.48 20.55
C ILE A 154 -1.25 -24.36 19.63
N LYS A 155 -2.05 -25.23 20.23
CA LYS A 155 -2.99 -26.08 19.50
C LYS A 155 -4.26 -25.30 19.15
N LEU A 156 -4.63 -25.32 17.87
CA LEU A 156 -5.76 -24.53 17.40
C LEU A 156 -7.07 -25.30 17.56
N SER A 157 -8.16 -24.56 17.70
CA SER A 157 -9.50 -25.14 17.69
C SER A 157 -9.88 -25.49 16.25
N PRO A 158 -10.85 -26.41 16.08
CA PRO A 158 -11.38 -26.68 14.73
C PRO A 158 -11.88 -25.42 14.02
N GLU A 159 -12.49 -24.49 14.77
CA GLU A 159 -12.98 -23.24 14.19
C GLU A 159 -11.83 -22.40 13.64
N GLU A 160 -10.76 -22.27 14.42
CA GLU A 160 -9.53 -21.61 13.97
C GLU A 160 -8.89 -22.32 12.79
N GLU A 161 -8.83 -23.64 12.83
CA GLU A 161 -8.21 -24.42 11.76
C GLU A 161 -8.96 -24.17 10.45
N GLU A 162 -10.26 -23.99 10.55
CA GLU A 162 -11.14 -23.71 9.40
C GLU A 162 -10.73 -22.48 8.59
N TYR A 163 -10.18 -21.47 9.25
CA TYR A 163 -9.90 -20.19 8.59
C TYR A 163 -8.43 -19.98 8.31
N LEU A 164 -7.61 -20.99 8.61
CA LEU A 164 -6.17 -20.90 8.37
C LEU A 164 -5.86 -20.65 6.90
N ASP A 165 -6.66 -21.24 6.03
CA ASP A 165 -6.34 -21.25 4.61
C ASP A 165 -7.35 -20.47 3.79
N SER A 166 -8.16 -19.66 4.46
CA SER A 166 -9.10 -18.82 3.75
C SER A 166 -8.33 -17.84 2.87
N GLY A 167 -8.86 -17.57 1.69
CA GLY A 167 -8.32 -16.51 0.87
C GLY A 167 -8.48 -15.16 1.55
N TRP A 168 -9.46 -15.04 2.44
CA TRP A 168 -9.72 -13.75 3.09
C TRP A 168 -9.06 -13.64 4.45
N ASN A 169 -8.32 -14.67 4.85
CA ASN A 169 -7.37 -14.56 5.95
C ASN A 169 -6.20 -13.74 5.42
N LEU A 170 -6.05 -12.52 5.90
CA LEU A 170 -5.14 -11.58 5.25
C LEU A 170 -3.67 -12.01 5.32
N ASN A 171 -3.34 -12.94 6.21
CA ASN A 171 -1.99 -13.50 6.22
C ASN A 171 -1.67 -14.29 4.95
N ASN A 172 -2.70 -14.88 4.37
CA ASN A 172 -2.57 -15.67 3.16
C ASN A 172 -2.51 -14.85 1.89
N MET A 173 -3.20 -13.71 1.93
CA MET A 173 -3.40 -12.87 0.75
C MET A 173 -2.13 -12.62 -0.05
N PRO A 174 -1.02 -12.25 0.62
CA PRO A 174 0.20 -12.04 -0.17
C PRO A 174 0.68 -13.27 -0.94
N VAL A 175 0.51 -14.47 -0.37
CA VAL A 175 1.21 -15.65 -0.88
C VAL A 175 0.35 -16.56 -1.75
N MET A 176 -0.83 -16.10 -2.14
CA MET A 176 -1.72 -16.90 -2.97
C MET A 176 -1.33 -16.89 -4.46
N GLU A 177 -2.04 -17.67 -5.27
CA GLU A 177 -1.59 -17.95 -6.63
C GLU A 177 -1.82 -16.79 -7.61
N GLN A 178 -2.93 -16.07 -7.44
N GLN A 178 -2.93 -16.07 -7.44
CA GLN A 178 -3.28 -14.99 -8.35
CA GLN A 178 -3.30 -14.98 -8.34
C GLN A 178 -2.64 -13.65 -7.99
C GLN A 178 -2.60 -13.67 -8.01
N SER A 179 -1.89 -13.62 -6.89
CA SER A 179 -1.13 -12.42 -6.54
C SER A 179 0.25 -12.50 -7.17
N VAL A 180 0.86 -11.33 -7.43
CA VAL A 180 2.16 -11.32 -8.10
C VAL A 180 3.27 -11.07 -7.10
N LEU A 181 2.93 -11.11 -5.81
CA LEU A 181 3.96 -11.08 -4.77
C LEU A 181 4.08 -12.48 -4.15
N ALA A 182 3.57 -13.48 -4.86
CA ALA A 182 3.57 -14.87 -4.40
C ALA A 182 4.96 -15.50 -4.38
N HIS A 183 5.70 -15.34 -5.48
CA HIS A 183 7.01 -15.98 -5.60
C HIS A 183 8.18 -14.99 -5.45
N ILE A 184 7.92 -13.78 -4.92
CA ILE A 184 8.96 -12.77 -4.72
C ILE A 184 9.80 -13.04 -3.47
N THR A 185 11.10 -12.79 -3.59
CA THR A 185 12.07 -13.09 -2.54
C THR A 185 12.44 -11.92 -1.64
N ALA A 186 12.40 -10.70 -2.19
CA ALA A 186 12.95 -9.54 -1.48
C ALA A 186 12.33 -9.28 -0.11
N ASP A 187 13.10 -8.65 0.77
CA ASP A 187 12.64 -8.31 2.11
C ASP A 187 11.90 -7.00 2.09
N ILE A 188 10.57 -7.07 2.20
CA ILE A 188 9.74 -5.87 2.22
C ILE A 188 8.65 -6.03 3.28
N CYS A 189 9.08 -6.30 4.51
CA CYS A 189 8.19 -6.55 5.65
C CYS A 189 7.06 -5.53 5.76
N GLY A 190 7.41 -4.25 5.74
CA GLY A 190 6.44 -3.18 5.78
C GLY A 190 5.30 -3.33 4.79
N MET A 191 5.55 -3.98 3.65
CA MET A 191 4.55 -4.01 2.59
C MET A 191 3.82 -5.33 2.31
N LYS A 192 4.45 -6.49 2.54
CA LYS A 192 3.78 -7.76 2.22
C LYS A 192 3.13 -8.41 3.46
N LEU A 193 3.41 -7.86 4.63
CA LEU A 193 2.83 -8.39 5.87
C LEU A 193 1.65 -7.53 6.27
N PRO A 194 0.65 -8.13 6.93
CA PRO A 194 -0.49 -7.33 7.40
C PRO A 194 -0.08 -6.34 8.49
N TRP A 195 -0.75 -5.21 8.53
CA TRP A 195 -0.58 -4.26 9.62
C TRP A 195 -1.76 -4.37 10.57
N LEU A 196 -1.50 -4.20 11.86
CA LEU A 196 -2.53 -4.17 12.88
C LEU A 196 -2.80 -2.75 13.37
N TYR A 197 -4.06 -2.37 13.46
CA TYR A 197 -4.42 -1.00 13.86
C TYR A 197 -5.41 -1.02 15.01
N VAL A 198 -5.00 -0.46 16.14
CA VAL A 198 -5.88 -0.29 17.26
C VAL A 198 -6.36 1.17 17.30
N GLY A 199 -7.64 1.37 17.08
CA GLY A 199 -8.18 2.72 16.97
C GLY A 199 -8.94 3.16 18.21
N MET A 200 -9.16 4.48 18.30
CA MET A 200 -10.04 5.05 19.30
C MET A 200 -10.80 6.19 18.64
N CYS A 201 -11.80 6.73 19.33
CA CYS A 201 -12.60 7.83 18.78
C CYS A 201 -11.73 8.96 18.20
N PHE A 202 -11.96 9.26 16.93
CA PHE A 202 -11.27 10.32 16.17
C PHE A 202 -9.85 9.96 15.72
N SER A 203 -9.28 8.83 16.14
CA SER A 203 -7.93 8.52 15.66
C SER A 203 -8.06 8.33 14.16
N SER A 204 -7.14 8.87 13.38
CA SER A 204 -7.42 8.95 11.98
C SER A 204 -6.24 8.58 11.09
N PHE A 205 -6.54 8.17 9.87
CA PHE A 205 -5.50 7.93 8.90
C PHE A 205 -5.61 9.00 7.84
N CYS A 206 -4.52 9.71 7.62
CA CYS A 206 -4.48 10.82 6.65
C CYS A 206 -4.63 10.35 5.21
N TRP A 207 -4.93 11.30 4.33
CA TRP A 207 -5.02 11.04 2.90
C TRP A 207 -3.74 10.41 2.36
N HIS A 208 -3.87 9.28 1.69
CA HIS A 208 -2.73 8.64 1.06
C HIS A 208 -3.18 7.63 0.02
N ILE A 209 -2.24 7.24 -0.82
CA ILE A 209 -2.38 6.03 -1.63
C ILE A 209 -1.35 5.00 -1.16
N GLU A 210 -1.50 3.76 -1.57
CA GLU A 210 -0.57 2.71 -1.14
C GLU A 210 0.74 2.79 -1.92
N ASP A 211 1.81 2.35 -1.29
CA ASP A 211 3.09 2.21 -1.97
C ASP A 211 2.92 1.41 -3.25
N HIS A 212 3.51 1.93 -4.33
CA HIS A 212 3.51 1.31 -5.66
C HIS A 212 2.12 1.18 -6.26
N TRP A 213 1.22 2.05 -5.80
CA TRP A 213 -0.18 2.05 -6.23
C TRP A 213 -0.85 0.67 -6.08
N SER A 214 -0.47 -0.08 -5.06
CA SER A 214 -1.11 -1.37 -4.87
C SER A 214 -2.55 -1.22 -4.40
N TYR A 215 -3.30 -2.32 -4.51
CA TYR A 215 -4.54 -2.51 -3.78
C TYR A 215 -4.30 -2.58 -2.28
N SER A 216 -5.33 -2.33 -1.47
CA SER A 216 -5.29 -2.78 -0.08
C SER A 216 -6.63 -3.42 0.31
N ILE A 217 -6.57 -4.32 1.25
CA ILE A 217 -7.77 -4.92 1.79
C ILE A 217 -7.68 -4.74 3.29
N ASN A 218 -8.80 -4.34 3.88
N ASN A 218 -8.74 -4.18 3.87
CA ASN A 218 -8.82 -3.85 5.24
CA ASN A 218 -8.81 -3.86 5.31
C ASN A 218 -9.98 -4.53 5.97
C ASN A 218 -9.96 -4.61 5.93
N TYR A 219 -9.70 -5.25 7.05
CA TYR A 219 -10.75 -5.97 7.76
C TYR A 219 -10.90 -5.40 9.17
N LEU A 220 -12.14 -5.13 9.57
CA LEU A 220 -12.40 -4.69 10.95
C LEU A 220 -12.77 -5.90 11.78
N HIS A 221 -11.88 -6.33 12.66
CA HIS A 221 -12.09 -7.54 13.45
C HIS A 221 -13.17 -7.34 14.47
N TRP A 222 -13.08 -6.27 15.24
N TRP A 222 -13.13 -6.19 15.11
CA TRP A 222 -14.10 -5.95 16.23
CA TRP A 222 -13.98 -5.92 16.25
C TRP A 222 -14.06 -4.49 16.67
C TRP A 222 -14.11 -4.42 16.54
N GLY A 223 -15.19 -4.04 17.22
CA GLY A 223 -15.29 -2.73 17.83
C GLY A 223 -16.19 -1.78 17.08
N GLU A 224 -16.08 -0.51 17.43
CA GLU A 224 -16.92 0.50 16.81
C GLU A 224 -16.45 0.75 15.38
N PRO A 225 -17.33 1.30 14.52
CA PRO A 225 -16.99 1.38 13.10
C PRO A 225 -15.78 2.26 12.76
N LYS A 226 -15.29 2.06 11.55
CA LYS A 226 -14.24 2.89 10.96
C LYS A 226 -14.87 3.64 9.82
N THR A 227 -14.73 4.96 9.81
CA THR A 227 -15.32 5.77 8.76
C THR A 227 -14.30 6.08 7.66
N TRP A 228 -14.67 5.82 6.41
CA TRP A 228 -13.74 5.95 5.28
C TRP A 228 -14.16 7.02 4.31
N TYR A 229 -13.19 7.68 3.69
CA TYR A 229 -13.44 8.44 2.47
C TYR A 229 -12.50 7.95 1.39
N GLY A 230 -12.98 7.87 0.16
CA GLY A 230 -12.18 7.34 -0.93
C GLY A 230 -12.40 8.13 -2.21
N VAL A 231 -11.36 8.16 -3.03
CA VAL A 231 -11.37 8.89 -4.29
C VAL A 231 -10.91 7.92 -5.39
N PRO A 232 -11.62 7.87 -6.53
CA PRO A 232 -11.17 6.93 -7.58
C PRO A 232 -9.77 7.24 -8.09
N GLY A 233 -9.09 6.21 -8.60
CA GLY A 233 -7.77 6.39 -9.16
C GLY A 233 -7.67 7.44 -10.25
N TYR A 234 -8.70 7.59 -11.09
CA TYR A 234 -8.60 8.53 -12.19
C TYR A 234 -8.51 9.98 -11.71
N ALA A 235 -8.77 10.21 -10.44
CA ALA A 235 -8.84 11.58 -9.92
C ALA A 235 -7.67 11.89 -9.02
N ALA A 236 -6.70 10.98 -8.95
CA ALA A 236 -5.56 11.15 -8.05
C ALA A 236 -4.81 12.48 -8.29
N GLU A 237 -4.56 12.85 -9.54
CA GLU A 237 -3.75 14.04 -9.77
C GLU A 237 -4.58 15.29 -9.49
N GLN A 238 -5.88 15.23 -9.73
N GLN A 238 -5.88 15.21 -9.78
CA GLN A 238 -6.72 16.38 -9.37
CA GLN A 238 -6.81 16.26 -9.38
C GLN A 238 -6.73 16.56 -7.85
C GLN A 238 -6.66 16.53 -7.90
N LEU A 239 -6.76 15.47 -7.10
CA LEU A 239 -6.68 15.57 -5.64
C LEU A 239 -5.35 16.16 -5.22
N GLU A 240 -4.27 15.73 -5.87
CA GLU A 240 -2.94 16.21 -5.49
C GLU A 240 -2.80 17.70 -5.83
N ASN A 241 -3.37 18.13 -6.93
CA ASN A 241 -3.37 19.56 -7.26
C ASN A 241 -4.11 20.39 -6.22
N VAL A 242 -5.24 19.90 -5.72
CA VAL A 242 -5.97 20.60 -4.68
C VAL A 242 -5.11 20.70 -3.43
N MET A 243 -4.52 19.57 -3.04
CA MET A 243 -3.67 19.52 -1.86
C MET A 243 -2.47 20.45 -2.00
N LYS A 244 -1.87 20.47 -3.18
CA LYS A 244 -0.72 21.34 -3.40
C LYS A 244 -1.08 22.81 -3.24
N LYS A 245 -2.27 23.20 -3.70
CA LYS A 245 -2.67 24.60 -3.55
C LYS A 245 -2.86 24.98 -2.08
N LEU A 246 -3.46 24.08 -1.29
CA LEU A 246 -3.81 24.40 0.10
C LEU A 246 -2.74 24.06 1.14
N ALA A 247 -1.88 23.10 0.81
CA ALA A 247 -0.84 22.68 1.76
C ALA A 247 0.47 22.34 1.04
N PRO A 248 1.14 23.36 0.48
CA PRO A 248 2.37 23.15 -0.29
C PRO A 248 3.50 22.55 0.55
N GLU A 249 3.46 22.77 1.86
CA GLU A 249 4.47 22.23 2.78
C GLU A 249 4.61 20.71 2.66
N LEU A 250 3.53 20.04 2.24
CA LEU A 250 3.49 18.58 2.17
C LEU A 250 4.22 18.01 0.96
N PHE A 251 4.70 18.88 0.08
CA PHE A 251 5.22 18.42 -1.20
C PHE A 251 6.71 18.70 -1.37
N VAL A 252 7.34 19.15 -0.29
CA VAL A 252 8.79 19.35 -0.27
C VAL A 252 9.51 18.01 -0.42
N SER A 253 10.70 18.03 -1.01
CA SER A 253 11.45 16.80 -1.28
C SER A 253 11.68 16.00 -0.01
N GLN A 254 11.30 14.72 -0.05
CA GLN A 254 11.44 13.84 1.11
C GLN A 254 12.83 13.23 1.18
N PRO A 255 13.52 13.41 2.31
CA PRO A 255 14.87 12.89 2.55
C PRO A 255 14.96 11.37 2.50
N ASP A 256 14.13 10.69 3.29
CA ASP A 256 14.08 9.23 3.29
C ASP A 256 12.68 8.74 2.90
N LEU A 257 12.54 7.42 2.81
CA LEU A 257 11.26 6.81 2.48
C LEU A 257 10.32 6.90 3.68
N LEU A 258 10.90 6.95 4.88
CA LEU A 258 10.13 7.11 6.11
C LEU A 258 10.04 8.57 6.52
N HIS A 259 9.85 9.44 5.54
CA HIS A 259 9.69 10.87 5.80
C HIS A 259 8.61 11.47 4.92
N GLN A 260 7.71 10.62 4.42
CA GLN A 260 6.58 11.07 3.63
C GLN A 260 5.62 11.87 4.52
N LEU A 261 5.18 13.01 4.02
CA LEU A 261 4.25 13.86 4.76
C LEU A 261 2.82 13.63 4.26
N VAL A 262 1.88 13.57 5.20
CA VAL A 262 0.48 13.37 4.83
C VAL A 262 -0.40 14.23 5.72
N THR A 263 -1.67 14.42 5.35
CA THR A 263 -2.53 15.28 6.14
C THR A 263 -4.01 14.92 6.15
N ILE A 264 -4.70 15.42 7.17
CA ILE A 264 -6.15 15.45 7.26
C ILE A 264 -6.71 16.56 6.38
N MET A 265 -7.70 16.27 5.56
CA MET A 265 -8.39 17.30 4.79
C MET A 265 -9.85 16.97 4.56
N ASN A 266 -10.71 17.93 4.86
CA ASN A 266 -12.15 17.80 4.68
C ASN A 266 -12.52 17.35 3.27
N PRO A 267 -13.28 16.24 3.16
CA PRO A 267 -13.70 15.82 1.82
C PRO A 267 -14.56 16.85 1.10
N ASN A 268 -15.30 17.70 1.83
CA ASN A 268 -16.13 18.73 1.16
C ASN A 268 -15.25 19.70 0.37
N THR A 269 -14.06 19.95 0.89
CA THR A 269 -13.09 20.80 0.22
C THR A 269 -12.67 20.19 -1.11
N LEU A 270 -12.50 18.87 -1.14
CA LEU A 270 -12.15 18.20 -2.39
C LEU A 270 -13.33 18.22 -3.35
N MET A 271 -14.52 17.95 -2.82
CA MET A 271 -15.73 17.94 -3.64
C MET A 271 -16.03 19.33 -4.22
N THR A 272 -15.66 20.37 -3.49
CA THR A 272 -15.78 21.74 -3.97
C THR A 272 -14.90 21.95 -5.19
N HIS A 273 -13.76 21.28 -5.22
CA HIS A 273 -12.84 21.44 -6.33
C HIS A 273 -12.98 20.32 -7.36
N GLU A 274 -14.17 19.74 -7.43
CA GLU A 274 -14.52 18.74 -8.45
C GLU A 274 -13.78 17.41 -8.32
N VAL A 275 -13.30 17.10 -7.12
CA VAL A 275 -12.78 15.75 -6.87
C VAL A 275 -13.91 14.87 -6.34
N PRO A 276 -14.22 13.78 -7.04
CA PRO A 276 -15.26 12.89 -6.54
C PRO A 276 -14.80 12.15 -5.28
N VAL A 277 -15.62 12.15 -4.24
CA VAL A 277 -15.31 11.49 -2.98
C VAL A 277 -16.47 10.60 -2.56
N TYR A 278 -16.17 9.41 -2.05
CA TYR A 278 -17.20 8.50 -1.54
C TYR A 278 -16.87 8.15 -0.10
N ARG A 279 -17.89 7.75 0.67
CA ARG A 279 -17.68 7.44 2.08
C ARG A 279 -18.25 6.08 2.40
N THR A 280 -17.86 5.55 3.56
CA THR A 280 -18.58 4.44 4.12
C THR A 280 -18.25 4.32 5.59
N ASN A 281 -19.16 3.71 6.35
CA ASN A 281 -18.85 3.26 7.69
C ASN A 281 -18.59 1.78 7.61
N GLN A 282 -17.37 1.37 7.92
CA GLN A 282 -17.02 -0.03 7.98
C GLN A 282 -17.32 -0.57 9.37
N CYS A 283 -18.22 -1.55 9.46
CA CYS A 283 -18.53 -2.19 10.74
C CYS A 283 -17.75 -3.47 10.96
N ALA A 284 -17.67 -3.92 12.22
CA ALA A 284 -16.94 -5.14 12.57
C ALA A 284 -17.39 -6.30 11.68
N GLY A 285 -16.44 -7.06 11.15
CA GLY A 285 -16.76 -8.16 10.25
C GLY A 285 -16.90 -7.76 8.78
N GLU A 286 -16.64 -6.49 8.46
CA GLU A 286 -16.70 -6.08 7.06
C GLU A 286 -15.32 -5.73 6.53
N PHE A 287 -15.17 -5.90 5.20
CA PHE A 287 -13.96 -5.56 4.49
C PHE A 287 -14.12 -4.27 3.73
N VAL A 288 -13.07 -3.47 3.72
CA VAL A 288 -12.96 -2.39 2.75
C VAL A 288 -11.81 -2.69 1.78
N ILE A 289 -12.06 -2.49 0.49
CA ILE A 289 -11.01 -2.66 -0.50
C ILE A 289 -10.70 -1.32 -1.17
N THR A 290 -9.42 -0.96 -1.25
CA THR A 290 -9.00 0.23 -1.99
C THR A 290 -8.29 -0.20 -3.26
N PHE A 291 -8.55 0.53 -4.34
CA PHE A 291 -8.03 0.17 -5.66
C PHE A 291 -6.77 0.96 -5.99
N PRO A 292 -6.03 0.53 -7.04
CA PRO A 292 -4.78 1.22 -7.37
C PRO A 292 -4.91 2.73 -7.56
N ARG A 293 -4.05 3.45 -6.84
CA ARG A 293 -3.96 4.91 -6.87
C ARG A 293 -5.23 5.59 -6.35
N ALA A 294 -6.05 4.85 -5.59
CA ALA A 294 -7.24 5.44 -4.99
C ALA A 294 -6.89 6.08 -3.65
N TYR A 295 -6.99 7.41 -3.59
CA TYR A 295 -6.71 8.08 -2.32
C TYR A 295 -7.78 7.72 -1.29
N HIS A 296 -7.38 7.60 -0.04
CA HIS A 296 -8.36 7.36 1.02
C HIS A 296 -7.87 7.92 2.32
N SER A 297 -8.82 8.20 3.22
CA SER A 297 -8.56 8.67 4.56
C SER A 297 -9.73 8.31 5.45
N GLY A 298 -9.62 8.52 6.74
CA GLY A 298 -10.75 8.26 7.60
C GLY A 298 -10.42 8.39 9.07
N PHE A 299 -11.35 7.95 9.90
CA PHE A 299 -11.13 8.02 11.33
C PHE A 299 -11.99 6.95 11.99
N ASN A 300 -11.62 6.63 13.22
CA ASN A 300 -12.38 5.65 13.96
C ASN A 300 -13.48 6.27 14.82
N GLN A 301 -14.63 5.62 14.85
CA GLN A 301 -15.76 6.03 15.68
C GLN A 301 -15.55 5.75 17.17
N GLY A 302 -14.60 4.87 17.49
CA GLY A 302 -14.38 4.47 18.86
C GLY A 302 -13.35 3.35 18.92
N PHE A 303 -13.24 2.69 20.07
CA PHE A 303 -12.26 1.62 20.32
C PHE A 303 -12.49 0.50 19.30
N ASN A 304 -11.47 0.15 18.55
CA ASN A 304 -11.61 -0.93 17.57
C ASN A 304 -10.27 -1.55 17.17
N PHE A 305 -10.35 -2.60 16.35
CA PHE A 305 -9.16 -3.37 15.97
C PHE A 305 -9.28 -3.82 14.53
N ALA A 306 -8.36 -3.35 13.71
CA ALA A 306 -8.40 -3.61 12.28
C ALA A 306 -7.09 -4.24 11.83
N GLU A 307 -7.15 -4.86 10.66
CA GLU A 307 -5.98 -5.51 10.07
C GLU A 307 -6.09 -5.31 8.57
N ALA A 308 -4.96 -4.93 7.96
CA ALA A 308 -4.92 -4.56 6.55
C ALA A 308 -3.67 -5.09 5.85
N VAL A 309 -3.76 -5.33 4.55
CA VAL A 309 -2.59 -5.76 3.81
C VAL A 309 -2.64 -5.23 2.38
N ASN A 310 -1.47 -4.90 1.84
CA ASN A 310 -1.35 -4.55 0.44
C ASN A 310 -1.40 -5.81 -0.40
N PHE A 311 -1.83 -5.68 -1.64
CA PHE A 311 -1.69 -6.78 -2.57
C PHE A 311 -1.77 -6.29 -4.00
N CYS A 312 -1.27 -7.13 -4.88
CA CYS A 312 -1.08 -6.80 -6.27
C CYS A 312 -1.54 -7.95 -7.14
N THR A 313 -2.55 -7.68 -7.96
CA THR A 313 -3.07 -8.68 -8.89
C THR A 313 -2.47 -8.39 -10.26
N VAL A 314 -2.83 -9.19 -11.25
CA VAL A 314 -2.32 -9.00 -12.60
C VAL A 314 -2.85 -7.72 -13.24
N ASP A 315 -4.08 -7.34 -12.92
CA ASP A 315 -4.62 -6.03 -13.28
C ASP A 315 -3.63 -4.90 -12.95
N TRP A 316 -2.95 -5.03 -11.82
CA TRP A 316 -2.13 -3.95 -11.29
C TRP A 316 -0.79 -3.81 -11.99
N LEU A 317 -0.27 -4.88 -12.60
CA LEU A 317 1.09 -4.87 -13.15
C LEU A 317 1.46 -3.64 -14.00
N PRO A 318 0.63 -3.28 -15.01
CA PRO A 318 1.01 -2.08 -15.79
C PRO A 318 1.00 -0.80 -14.97
N LEU A 319 0.11 -0.73 -13.98
CA LEU A 319 0.06 0.43 -13.08
C LEU A 319 1.28 0.48 -12.18
N GLY A 320 1.75 -0.69 -11.77
CA GLY A 320 2.97 -0.78 -11.00
C GLY A 320 4.14 -0.20 -11.78
N ARG A 321 4.22 -0.51 -13.07
CA ARG A 321 5.26 0.08 -13.92
C ARG A 321 5.09 1.60 -14.03
N GLN A 322 3.85 2.04 -14.27
N GLN A 322 3.86 2.06 -14.27
CA GLN A 322 3.55 3.47 -14.37
CA GLN A 322 3.63 3.52 -14.38
C GLN A 322 3.94 4.20 -13.09
C GLN A 322 3.99 4.20 -13.06
N CYS A 323 3.69 3.56 -11.94
CA CYS A 323 4.01 4.17 -10.66
C CYS A 323 5.51 4.44 -10.44
N VAL A 324 6.34 3.45 -10.73
N VAL A 324 6.37 3.46 -10.73
CA VAL A 324 7.79 3.56 -10.57
CA VAL A 324 7.78 3.66 -10.47
C VAL A 324 8.32 4.69 -11.44
C VAL A 324 8.39 4.65 -11.47
N GLU A 325 7.74 4.82 -12.62
CA GLU A 325 8.04 5.90 -13.53
C GLU A 325 7.67 7.24 -12.90
N HIS A 326 6.46 7.28 -12.34
N HIS A 326 6.47 7.32 -12.32
CA HIS A 326 5.96 8.47 -11.63
CA HIS A 326 6.07 8.57 -11.69
C HIS A 326 6.91 8.80 -10.47
C HIS A 326 6.88 8.84 -10.42
N TYR A 327 7.35 7.79 -9.74
CA TYR A 327 8.28 8.00 -8.63
C TYR A 327 9.60 8.62 -9.12
N ARG A 328 10.04 8.19 -10.30
CA ARG A 328 11.32 8.65 -10.86
C ARG A 328 11.22 10.15 -11.15
N LEU A 329 10.13 10.55 -11.79
CA LEU A 329 9.88 11.96 -12.07
C LEU A 329 9.85 12.81 -10.80
N LEU A 330 9.41 12.23 -9.69
CA LEU A 330 9.30 12.94 -8.42
C LEU A 330 10.53 12.79 -7.55
N HIS A 331 11.48 11.97 -7.99
CA HIS A 331 12.64 11.60 -7.16
C HIS A 331 12.19 10.98 -5.85
N ARG A 332 11.16 10.14 -5.91
CA ARG A 332 10.67 9.46 -4.71
C ARG A 332 11.27 8.07 -4.58
N TYR A 333 11.61 7.66 -3.36
CA TYR A 333 12.15 6.32 -3.15
C TYR A 333 11.09 5.24 -3.43
N CYS A 334 11.58 4.09 -3.91
CA CYS A 334 10.78 2.90 -4.15
C CYS A 334 10.82 1.98 -2.95
N VAL A 335 9.82 1.12 -2.83
CA VAL A 335 9.85 0.11 -1.79
C VAL A 335 10.61 -1.12 -2.31
N PHE A 336 10.37 -1.44 -3.58
CA PHE A 336 11.09 -2.55 -4.22
C PHE A 336 11.32 -2.21 -5.68
N SER A 337 12.14 -3.02 -6.35
CA SER A 337 12.32 -2.89 -7.78
C SER A 337 11.22 -3.66 -8.52
N HIS A 338 10.43 -2.95 -9.33
CA HIS A 338 9.39 -3.57 -10.14
C HIS A 338 10.02 -4.54 -11.18
N ASP A 339 11.10 -4.10 -11.82
CA ASP A 339 11.78 -4.96 -12.81
C ASP A 339 12.35 -6.22 -12.18
N GLU A 340 12.86 -6.11 -10.96
CA GLU A 340 13.39 -7.26 -10.27
C GLU A 340 12.29 -8.28 -10.02
N MET A 341 11.11 -7.79 -9.65
CA MET A 341 9.98 -8.65 -9.39
C MET A 341 9.57 -9.37 -10.67
N ILE A 342 9.50 -8.64 -11.78
CA ILE A 342 9.17 -9.22 -13.09
C ILE A 342 10.15 -10.33 -13.48
N CYS A 343 11.45 -10.05 -13.34
CA CYS A 343 12.48 -11.03 -13.72
C CYS A 343 12.45 -12.23 -12.78
N LYS A 344 12.14 -12.00 -11.52
CA LYS A 344 12.04 -13.10 -10.59
C LYS A 344 10.89 -14.01 -11.03
N MET A 345 9.78 -13.43 -11.43
CA MET A 345 8.67 -14.25 -11.88
C MET A 345 8.99 -14.97 -13.20
N ALA A 346 9.66 -14.29 -14.12
CA ALA A 346 10.09 -14.93 -15.37
C ALA A 346 10.99 -16.14 -15.08
N SER A 347 11.86 -16.02 -14.10
CA SER A 347 12.77 -17.10 -13.75
C SER A 347 12.04 -18.26 -13.09
N LYS A 348 10.76 -18.08 -12.78
CA LYS A 348 9.98 -19.17 -12.21
C LYS A 348 8.78 -19.45 -13.09
N ALA A 349 8.94 -19.21 -14.39
CA ALA A 349 7.83 -19.27 -15.33
C ALA A 349 7.11 -20.61 -15.26
N ASP A 350 7.86 -21.69 -15.06
CA ASP A 350 7.28 -23.04 -15.06
C ASP A 350 6.29 -23.29 -13.92
N VAL A 351 6.43 -22.59 -12.79
CA VAL A 351 5.50 -22.81 -11.68
C VAL A 351 4.46 -21.70 -11.53
N LEU A 352 4.47 -20.75 -12.45
CA LEU A 352 3.50 -19.64 -12.41
C LEU A 352 2.11 -20.05 -12.83
N ASP A 353 1.11 -19.47 -12.17
CA ASP A 353 -0.24 -19.47 -12.66
C ASP A 353 -0.23 -18.99 -14.10
N VAL A 354 -1.07 -19.53 -14.97
CA VAL A 354 -0.90 -19.28 -16.40
C VAL A 354 -1.45 -17.93 -16.86
N VAL A 355 -2.43 -17.38 -16.14
CA VAL A 355 -2.91 -16.04 -16.41
C VAL A 355 -1.87 -15.03 -15.92
N VAL A 356 -1.24 -15.34 -14.79
CA VAL A 356 -0.15 -14.52 -14.29
C VAL A 356 0.98 -14.48 -15.32
N ALA A 357 1.39 -15.64 -15.81
CA ALA A 357 2.47 -15.73 -16.78
C ALA A 357 2.17 -14.85 -17.99
N SER A 358 0.93 -14.91 -18.46
CA SER A 358 0.52 -14.17 -19.64
C SER A 358 0.65 -12.65 -19.43
N THR A 359 0.22 -12.18 -18.27
CA THR A 359 0.30 -10.77 -17.93
C THR A 359 1.75 -10.31 -17.70
N VAL A 360 2.52 -11.11 -16.98
CA VAL A 360 3.91 -10.81 -16.76
C VAL A 360 4.66 -10.74 -18.09
N GLN A 361 4.34 -11.66 -18.98
CA GLN A 361 4.96 -11.65 -20.29
C GLN A 361 4.76 -10.30 -21.02
N LYS A 362 3.58 -9.72 -20.91
CA LYS A 362 3.30 -8.45 -21.56
C LYS A 362 4.08 -7.29 -20.95
N ASP A 363 4.20 -7.28 -19.62
CA ASP A 363 4.98 -6.25 -18.95
C ASP A 363 6.45 -6.40 -19.26
N MET A 364 6.90 -7.65 -19.34
CA MET A 364 8.30 -7.91 -19.66
C MET A 364 8.66 -7.40 -21.06
N ALA A 365 7.74 -7.54 -22.01
CA ALA A 365 7.99 -7.09 -23.37
C ALA A 365 8.22 -5.59 -23.41
N ILE A 366 7.45 -4.86 -22.60
CA ILE A 366 7.60 -3.42 -22.51
C ILE A 366 8.92 -3.09 -21.82
N MET A 367 9.22 -3.83 -20.76
CA MET A 367 10.48 -3.65 -20.03
C MET A 367 11.67 -3.80 -20.98
N ILE A 368 11.65 -4.87 -21.78
CA ILE A 368 12.78 -5.16 -22.65
C ILE A 368 12.92 -4.08 -23.73
N GLU A 369 11.81 -3.72 -24.36
CA GLU A 369 11.84 -2.65 -25.37
C GLU A 369 12.37 -1.33 -24.77
N ASP A 370 11.92 -0.95 -23.58
CA ASP A 370 12.44 0.27 -22.96
C ASP A 370 13.93 0.15 -22.65
N GLU A 371 14.36 -1.04 -22.21
CA GLU A 371 15.74 -1.23 -21.79
C GLU A 371 16.65 -1.20 -23.01
N LYS A 372 16.18 -1.81 -24.10
CA LYS A 372 16.92 -1.79 -25.35
C LYS A 372 17.16 -0.35 -25.80
N ALA A 373 16.13 0.49 -25.72
CA ALA A 373 16.27 1.88 -26.14
C ALA A 373 17.20 2.66 -25.23
N LEU A 374 17.10 2.45 -23.92
CA LEU A 374 17.95 3.16 -22.97
C LEU A 374 19.43 2.81 -23.14
N ARG A 375 19.70 1.54 -23.40
CA ARG A 375 21.07 1.10 -23.60
C ARG A 375 21.65 1.66 -24.91
N GLU A 376 20.81 1.83 -25.93
CA GLU A 376 21.31 2.41 -27.17
C GLU A 376 21.66 3.86 -26.95
N THR A 377 20.80 4.55 -26.19
CA THR A 377 21.05 5.94 -25.84
C THR A 377 22.34 6.13 -25.04
N VAL A 378 22.60 5.29 -24.04
N VAL A 378 22.55 5.27 -24.05
CA VAL A 378 23.81 5.50 -23.25
CA VAL A 378 23.74 5.33 -23.22
C VAL A 378 25.08 5.11 -24.03
C VAL A 378 25.01 5.13 -24.06
N ARG A 379 24.96 4.16 -24.96
CA ARG A 379 26.08 3.86 -25.86
C ARG A 379 26.41 5.08 -26.75
N LYS A 380 25.38 5.79 -27.21
CA LYS A 380 25.58 6.99 -28.02
C LYS A 380 26.15 8.14 -27.20
N LEU A 381 26.03 8.05 -25.87
CA LEU A 381 26.68 9.05 -25.01
C LEU A 381 28.14 8.70 -24.76
N GLY A 382 28.58 7.54 -25.26
CA GLY A 382 30.00 7.20 -25.18
C GLY A 382 30.37 6.25 -24.06
N VAL A 383 29.38 5.64 -23.41
CA VAL A 383 29.65 4.62 -22.40
C VAL A 383 29.85 3.34 -23.17
N ILE A 384 31.06 2.79 -23.06
CA ILE A 384 31.42 1.65 -23.89
C ILE A 384 31.66 0.40 -23.07
N ASP A 385 32.41 0.57 -22.00
CA ASP A 385 32.72 -0.54 -21.13
C ASP A 385 31.46 -1.00 -20.40
N SER A 386 31.40 -2.29 -20.06
CA SER A 386 30.26 -2.80 -19.32
C SER A 386 30.66 -4.06 -18.55
N GLU A 387 29.87 -4.40 -17.53
CA GLU A 387 30.05 -5.64 -16.78
C GLU A 387 28.73 -6.07 -16.17
N ARG A 388 28.45 -7.37 -16.17
CA ARG A 388 27.29 -7.87 -15.48
C ARG A 388 27.38 -7.51 -13.99
N MET A 389 26.24 -7.15 -13.41
CA MET A 389 26.21 -6.82 -12.01
C MET A 389 24.95 -7.37 -11.38
N ASP A 390 25.12 -8.15 -10.31
CA ASP A 390 23.98 -8.74 -9.60
C ASP A 390 23.35 -7.76 -8.61
N PHE A 391 22.51 -6.87 -9.11
CA PHE A 391 21.94 -5.80 -8.31
C PHE A 391 21.18 -6.31 -7.09
N GLU A 392 20.56 -7.48 -7.23
CA GLU A 392 19.67 -7.97 -6.17
C GLU A 392 20.46 -8.31 -4.91
N LEU A 393 21.79 -8.36 -5.01
CA LEU A 393 22.65 -8.65 -3.85
C LEU A 393 22.97 -7.38 -3.03
N LEU A 394 22.79 -6.22 -3.62
CA LEU A 394 23.05 -4.95 -2.93
C LEU A 394 21.90 -4.58 -2.01
N PRO A 395 22.22 -4.15 -0.78
CA PRO A 395 21.20 -3.51 0.07
C PRO A 395 20.49 -2.43 -0.74
N ASP A 396 19.20 -2.22 -0.51
CA ASP A 396 18.41 -1.30 -1.34
C ASP A 396 18.97 0.11 -1.38
N ASP A 397 19.48 0.61 -0.25
CA ASP A 397 19.96 1.98 -0.22
C ASP A 397 21.35 2.08 -0.84
N GLU A 398 21.89 0.97 -1.30
CA GLU A 398 23.16 1.00 -2.03
C GLU A 398 22.96 0.87 -3.54
N ARG A 399 21.71 0.89 -4.01
CA ARG A 399 21.51 0.87 -5.45
C ARG A 399 20.43 1.81 -5.93
N GLN A 400 20.35 2.97 -5.29
CA GLN A 400 19.46 4.02 -5.76
C GLN A 400 20.22 4.99 -6.67
N CYS A 401 19.55 5.42 -7.73
CA CYS A 401 20.06 6.47 -8.61
C CYS A 401 20.32 7.73 -7.79
N VAL A 402 21.55 8.26 -7.79
CA VAL A 402 21.84 9.42 -6.93
C VAL A 402 20.96 10.62 -7.28
N LYS A 403 20.46 10.67 -8.51
CA LYS A 403 19.58 11.73 -8.95
C LYS A 403 18.11 11.46 -8.61
N CYS A 404 17.54 10.39 -9.15
CA CYS A 404 16.09 10.25 -9.05
C CYS A 404 15.65 9.25 -7.99
N LYS A 405 16.64 8.65 -7.31
CA LYS A 405 16.42 7.72 -6.20
C LYS A 405 15.77 6.38 -6.58
N THR A 406 15.60 6.11 -7.87
CA THR A 406 14.99 4.85 -8.27
C THR A 406 15.89 3.69 -7.88
N THR A 407 15.29 2.55 -7.53
CA THR A 407 16.06 1.37 -7.18
C THR A 407 16.49 0.67 -8.47
N CYS A 408 17.79 0.60 -8.70
CA CYS A 408 18.30 0.00 -9.94
C CYS A 408 18.22 -1.51 -9.91
N PHE A 409 17.95 -2.11 -11.06
CA PHE A 409 18.06 -3.56 -11.20
C PHE A 409 18.47 -3.96 -12.60
N MET A 410 17.77 -3.47 -13.62
CA MET A 410 18.08 -3.87 -14.99
C MET A 410 19.48 -3.40 -15.36
N SER A 411 19.81 -2.16 -14.98
CA SER A 411 21.11 -1.56 -15.28
C SER A 411 21.35 -0.23 -14.57
N ALA A 412 22.60 0.18 -14.58
CA ALA A 412 23.01 1.44 -14.01
C ALA A 412 24.35 1.81 -14.59
N ILE A 413 24.75 3.06 -14.37
CA ILE A 413 26.07 3.53 -14.75
C ILE A 413 26.88 3.79 -13.50
N SER A 414 28.13 3.32 -13.49
CA SER A 414 29.06 3.62 -12.40
C SER A 414 30.30 4.33 -12.94
N CYS A 415 31.07 4.93 -12.04
CA CYS A 415 32.39 5.47 -12.39
C CYS A 415 33.33 5.26 -11.23
N SER A 416 34.55 4.80 -11.50
CA SER A 416 35.49 4.50 -10.42
C SER A 416 35.93 5.76 -9.69
N CYS A 417 35.79 6.91 -10.33
CA CYS A 417 35.84 8.19 -9.64
C CYS A 417 34.93 8.32 -8.42
N LYS A 418 33.69 7.83 -8.53
CA LYS A 418 32.72 7.87 -7.44
C LYS A 418 32.39 6.46 -6.96
N PRO A 419 33.29 5.84 -6.19
CA PRO A 419 33.10 4.45 -5.77
C PRO A 419 31.78 4.22 -5.06
N GLY A 420 30.96 3.31 -5.57
CA GLY A 420 29.71 2.96 -4.95
C GLY A 420 28.50 3.76 -5.39
N LEU A 421 28.72 4.86 -6.12
CA LEU A 421 27.60 5.63 -6.62
C LEU A 421 27.05 5.09 -7.94
N LEU A 422 25.75 5.22 -8.13
CA LEU A 422 25.09 4.76 -9.35
C LEU A 422 24.08 5.79 -9.83
N VAL A 423 23.88 5.83 -11.14
CA VAL A 423 22.72 6.49 -11.70
C VAL A 423 22.02 5.51 -12.59
N CYS A 424 20.70 5.65 -12.69
CA CYS A 424 19.95 4.88 -13.67
C CYS A 424 20.29 5.44 -15.05
N LEU A 425 19.79 4.80 -16.09
CA LEU A 425 20.19 5.18 -17.44
C LEU A 425 19.50 6.45 -17.94
N HIS A 426 18.49 6.94 -17.21
CA HIS A 426 17.89 8.24 -17.53
C HIS A 426 18.77 9.39 -17.06
N HIS A 427 19.76 9.08 -16.22
CA HIS A 427 20.54 10.11 -15.53
C HIS A 427 22.05 9.93 -15.62
N VAL A 428 22.49 9.41 -16.75
CA VAL A 428 23.92 9.25 -17.05
C VAL A 428 24.71 10.52 -16.80
N LYS A 429 24.12 11.67 -17.13
CA LYS A 429 24.83 12.93 -17.01
C LYS A 429 24.88 13.47 -15.59
N GLU A 430 24.32 12.74 -14.62
CA GLU A 430 24.26 13.27 -13.26
C GLU A 430 25.21 12.60 -12.27
N LEU A 431 26.13 11.78 -12.75
CA LEU A 431 26.96 11.01 -11.85
C LEU A 431 28.24 11.73 -11.40
N CYS A 432 28.97 12.29 -12.36
CA CYS A 432 30.24 12.96 -12.08
C CYS A 432 30.75 13.69 -13.32
N SER A 433 31.89 14.35 -13.20
CA SER A 433 32.39 15.21 -14.28
C SER A 433 33.31 14.46 -15.26
N CYS A 434 33.64 13.22 -14.94
CA CYS A 434 34.50 12.42 -15.81
C CYS A 434 33.83 12.24 -17.16
N PRO A 435 34.65 12.10 -18.22
CA PRO A 435 34.10 11.77 -19.54
C PRO A 435 33.54 10.36 -19.55
N PRO A 436 32.40 10.16 -20.23
CA PRO A 436 31.68 8.90 -20.40
C PRO A 436 32.53 7.65 -20.70
N TYR A 437 33.67 7.77 -21.36
CA TYR A 437 34.45 6.54 -21.60
C TYR A 437 35.03 6.01 -20.28
N LYS A 438 34.98 6.80 -19.22
CA LYS A 438 35.41 6.27 -17.92
C LYS A 438 34.28 5.52 -17.21
N TYR A 439 33.09 5.53 -17.80
CA TYR A 439 31.93 4.92 -17.16
C TYR A 439 31.81 3.44 -17.51
N LYS A 440 31.14 2.69 -16.65
CA LYS A 440 30.75 1.33 -17.00
C LYS A 440 29.23 1.20 -16.96
N LEU A 441 28.66 0.58 -17.97
CA LEU A 441 27.30 0.09 -17.90
C LEU A 441 27.29 -1.18 -17.06
N ARG A 442 26.60 -1.13 -15.92
CA ARG A 442 26.39 -2.34 -15.10
C ARG A 442 25.04 -2.91 -15.44
N TYR A 443 24.98 -4.18 -15.84
CA TYR A 443 23.70 -4.73 -16.29
C TYR A 443 23.43 -6.06 -15.62
N ARG A 444 22.17 -6.34 -15.34
CA ARG A 444 21.83 -7.61 -14.73
C ARG A 444 21.78 -8.71 -15.80
N TYR A 445 21.22 -8.38 -16.95
CA TYR A 445 20.98 -9.34 -18.03
C TYR A 445 21.35 -8.71 -19.36
N THR A 446 21.90 -9.51 -20.27
CA THR A 446 22.00 -9.09 -21.66
C THR A 446 20.64 -9.23 -22.30
N LEU A 447 20.41 -8.52 -23.41
CA LEU A 447 19.20 -8.75 -24.18
C LEU A 447 19.09 -10.21 -24.61
N ASP A 448 20.21 -10.86 -24.89
CA ASP A 448 20.18 -12.29 -25.22
C ASP A 448 19.74 -13.16 -24.04
N ASP A 449 19.97 -12.71 -22.82
CA ASP A 449 19.42 -13.38 -21.63
C ASP A 449 17.91 -13.19 -21.51
N LEU A 450 17.46 -11.98 -21.83
CA LEU A 450 16.08 -11.59 -21.53
C LEU A 450 15.03 -12.25 -22.43
N TYR A 451 15.29 -12.34 -23.73
CA TYR A 451 14.28 -12.88 -24.65
C TYR A 451 13.90 -14.35 -24.34
N PRO A 452 14.87 -15.22 -24.00
CA PRO A 452 14.44 -16.56 -23.58
C PRO A 452 13.61 -16.56 -22.28
N MET A 453 13.91 -15.64 -21.37
CA MET A 453 13.12 -15.55 -20.13
C MET A 453 11.68 -15.19 -20.50
N MET A 454 11.54 -14.24 -21.42
CA MET A 454 10.20 -13.86 -21.83
C MET A 454 9.50 -15.00 -22.56
N ASN A 455 10.25 -15.75 -23.36
N ASN A 455 10.26 -15.76 -23.33
CA ASN A 455 9.69 -16.88 -24.09
CA ASN A 455 9.68 -16.86 -24.09
C ASN A 455 9.17 -17.97 -23.16
C ASN A 455 9.21 -18.00 -23.19
N ALA A 456 9.87 -18.18 -22.06
CA ALA A 456 9.43 -19.16 -21.07
C ALA A 456 8.05 -18.79 -20.57
N LEU A 457 7.82 -17.49 -20.34
CA LEU A 457 6.51 -17.02 -19.89
C LEU A 457 5.45 -17.29 -20.96
N LYS A 458 5.79 -17.01 -22.22
CA LYS A 458 4.87 -17.26 -23.32
C LYS A 458 4.48 -18.74 -23.39
N LEU A 459 5.46 -19.64 -23.35
CA LEU A 459 5.19 -21.07 -23.34
C LEU A 459 4.28 -21.45 -22.19
N ARG A 460 4.58 -20.96 -20.98
CA ARG A 460 3.74 -21.28 -19.84
C ARG A 460 2.32 -20.77 -20.05
N ALA A 461 2.18 -19.58 -20.61
CA ALA A 461 0.86 -18.99 -20.86
C ALA A 461 0.11 -19.65 -22.01
N GLU A 462 0.81 -20.39 -22.88
CA GLU A 462 0.13 -21.02 -24.02
C GLU A 462 -0.45 -22.40 -23.74
N SER A 463 -0.12 -22.98 -22.59
CA SER A 463 -0.57 -24.33 -22.19
C SER A 463 -2.01 -24.68 -22.61
ZN ZN B . 17.78 8.14 -12.17
ZN ZN C . 33.93 10.00 -12.32
C01 H0X D . -5.90 1.03 6.73
C02 H0X D . -5.53 2.10 5.88
N03 H0X D . -5.23 3.01 5.19
S04 H0X D . -7.06 1.48 8.14
C05 H0X D . -6.23 2.39 9.43
N06 H0X D . -6.98 2.54 10.61
C07 H0X D . -6.38 3.26 11.68
C08 H0X D . -5.01 3.79 11.41
C09 H0X D . -4.37 3.60 10.21
C10 H0X D . -2.95 4.11 9.92
C11 H0X D . -2.05 4.41 10.96
C12 H0X D . -0.75 4.84 10.72
C13 H0X D . -0.25 5.00 9.43
C14 H0X D . -1.10 4.69 8.38
C15 H0X D . -2.42 4.24 8.62
N16 H0X D . -5.03 2.85 9.20
O17 H0X D . -7.03 3.39 12.72
MN MN E . -4.23 2.78 3.05
MN MN F . 35.15 -3.07 -11.86
CL CL G . -7.87 21.43 15.82
C1 EDO H . 16.67 0.51 -13.53
O1 EDO H . 17.93 -0.16 -13.28
C2 EDO H . 15.63 -0.37 -14.22
O2 EDO H . 15.32 -1.59 -13.50
C1 EDO I . -0.80 -2.17 17.62
O1 EDO I . -1.74 -1.85 16.59
C2 EDO I . -0.03 -3.41 17.21
O2 EDO I . 1.30 -3.32 17.73
C1 EDO J . 25.91 -4.85 -22.61
O1 EDO J . 24.50 -4.60 -22.48
C2 EDO J . 26.05 -6.36 -22.69
O2 EDO J . 24.91 -6.89 -23.39
C1 EDO K . 12.81 0.63 -16.99
O1 EDO K . 12.34 -0.64 -16.47
C2 EDO K . 13.71 0.30 -18.17
O2 EDO K . 13.48 -1.09 -18.45
C1 EDO L . -18.86 12.00 -5.40
O1 EDO L . -18.73 13.21 -4.65
C2 EDO L . -19.98 12.11 -6.45
O2 EDO L . -19.59 13.03 -7.47
C1 EDO M . 24.21 4.18 -5.08
O1 EDO M . 24.08 5.48 -5.71
C2 EDO M . 23.88 4.24 -3.59
O2 EDO M . 22.45 4.13 -3.38
C1 EDO N . -5.26 5.05 -11.99
O1 EDO N . -6.43 5.35 -12.77
C2 EDO N . -4.00 5.44 -12.77
O2 EDO N . -3.78 6.85 -12.68
C1 EDO O . 27.73 -0.35 -23.10
O1 EDO O . 27.25 0.92 -23.54
C2 EDO O . 27.93 -1.28 -24.30
O2 EDO O . 29.07 -0.82 -25.05
C1 EDO P . 2.36 8.69 -6.46
O1 EDO P . 3.43 9.22 -7.24
C2 EDO P . 2.87 8.62 -5.03
O2 EDO P . 3.42 9.91 -4.72
C1 EDO Q . 28.10 -4.08 0.27
O1 EDO Q . 28.37 -3.53 -1.03
C2 EDO Q . 29.39 -4.04 1.11
O2 EDO Q . 30.44 -4.68 0.38
C1 EDO R . 30.50 -6.30 -11.21
O1 EDO R . 29.65 -5.44 -11.97
C2 EDO R . 29.97 -6.36 -9.78
O2 EDO R . 30.67 -5.41 -8.99
C1 EDO S . 16.31 -12.16 -10.61
O1 EDO S . 15.27 -11.47 -9.91
C2 EDO S . 17.58 -12.07 -9.78
O2 EDO S . 17.69 -13.27 -8.97
C1 EDO T . 7.67 1.52 11.06
O1 EDO T . 7.12 2.54 11.89
C2 EDO T . 7.47 0.17 11.73
O2 EDO T . 7.97 0.21 13.08
S DMS U . -1.16 8.59 9.89
O DMS U . -2.14 9.02 8.86
C1 DMS U . -1.99 8.05 11.40
C2 DMS U . -0.19 9.98 10.52
S DMS V . -1.61 -1.72 5.15
O DMS V . -2.34 -0.66 5.93
C1 DMS V . 0.03 -1.11 4.67
C2 DMS V . -2.43 -1.88 3.55
P PO4 W . 15.05 15.08 -13.94
O1 PO4 W . 14.47 16.30 -14.62
O2 PO4 W . 15.34 14.02 -14.99
O3 PO4 W . 16.31 15.47 -13.22
O4 PO4 W . 14.07 14.56 -12.91
#